data_9FJ4
#
_entry.id   9FJ4
#
_cell.length_a   61.360
_cell.length_b   49.710
_cell.length_c   42.290
_cell.angle_alpha   90.00
_cell.angle_beta   123.78
_cell.angle_gamma   90.00
#
_symmetry.space_group_name_H-M   'C 1 2 1'
#
loop_
_entity.id
_entity.type
_entity.pdbx_description
1 polymer Polyubiquitin-C
2 polymer GLU-GLN-GLU-ILE-GLU-GLU-LEU-GLU-ILE-GLU-ILE-ALA-ILE-LEU-LEU-SER-GLU-ILE-GLU-GLY
3 polymer LYS-GLN-LYS-ILE-ALA-ALA-LEU-LYS-TYR-LYS-ILE-ALA-ALA-LEU-LYS-GLN-LYS-ILE-GLN
4 non-polymer 3-[1-(2-oxidanylideneethyl)-1,2,3-triazol-4-yl]propanal
5 water water
#
loop_
_entity_poly.entity_id
_entity_poly.type
_entity_poly.pdbx_seq_one_letter_code
_entity_poly.pdbx_strand_id
1 'polypeptide(L)'
;GSGGSMQIFVKTLTGKTITLEVEPSDTIENVKAKIQDKEGIPPDQQRLIFAGKQLEDGRTLSDYNIQKESTLHLVLRLRG
G
;
A
2 'polypeptide(L)' EQEIEELEIEIAILLSEIEG B
3 'polypeptide(L)' KQKIAALKYKIAALKQKIQG C
#
# COMPACT_ATOMS: atom_id res chain seq x y z
N MET A 6 17.33 -8.23 -1.65
CA MET A 6 16.98 -7.58 -0.39
C MET A 6 15.54 -7.90 -0.06
N GLN A 7 15.13 -7.60 1.16
CA GLN A 7 13.75 -7.86 1.55
C GLN A 7 13.03 -6.56 1.86
N ILE A 8 11.76 -6.50 1.47
CA ILE A 8 10.88 -5.39 1.79
C ILE A 8 9.62 -5.98 2.42
N PHE A 9 8.85 -5.11 3.02
CA PHE A 9 7.63 -5.51 3.71
C PHE A 9 6.44 -4.80 3.10
N VAL A 10 5.32 -5.52 3.02
CA VAL A 10 4.08 -4.98 2.47
C VAL A 10 3.00 -5.21 3.52
N LYS A 11 2.41 -4.11 4.01
CA LYS A 11 1.42 -4.16 5.07
C LYS A 11 0.03 -3.80 4.56
N THR A 12 -0.96 -4.58 4.97
CA THR A 12 -2.34 -4.24 4.68
C THR A 12 -2.93 -3.42 5.83
N LEU A 13 -4.10 -2.85 5.58
CA LEU A 13 -4.85 -2.21 6.65
C LEU A 13 -5.54 -3.22 7.56
N THR A 14 -5.46 -4.51 7.25
CA THR A 14 -6.10 -5.55 8.04
C THR A 14 -5.13 -6.21 9.01
N GLY A 15 -3.93 -5.65 9.17
CA GLY A 15 -2.94 -6.15 10.09
C GLY A 15 -1.99 -7.19 9.53
N LYS A 16 -2.04 -7.45 8.23
CA LYS A 16 -1.16 -8.43 7.61
C LYS A 16 0.14 -7.78 7.17
N THR A 17 1.25 -8.47 7.42
CA THR A 17 2.53 -8.07 6.86
C THR A 17 3.09 -9.20 6.01
N ILE A 18 3.44 -8.86 4.77
CA ILE A 18 4.00 -9.80 3.79
C ILE A 18 5.47 -9.46 3.60
N THR A 19 6.34 -10.46 3.65
CA THR A 19 7.75 -10.25 3.35
C THR A 19 8.04 -10.67 1.92
N LEU A 20 8.76 -9.83 1.18
CA LEU A 20 9.11 -10.13 -0.20
C LEU A 20 10.62 -10.09 -0.37
N GLU A 21 11.11 -10.94 -1.26
CA GLU A 21 12.49 -10.89 -1.74
C GLU A 21 12.49 -10.20 -3.09
N VAL A 22 13.19 -9.06 -3.17
CA VAL A 22 13.16 -8.19 -4.34
C VAL A 22 14.57 -7.72 -4.67
N GLU A 23 14.71 -7.19 -5.88
CA GLU A 23 15.86 -6.48 -6.42
C GLU A 23 15.53 -5.00 -6.56
N PRO A 24 16.52 -4.11 -6.38
CA PRO A 24 16.25 -2.67 -6.57
C PRO A 24 15.64 -2.35 -7.93
N SER A 25 15.96 -3.13 -8.96
CA SER A 25 15.46 -2.89 -10.30
C SER A 25 14.13 -3.56 -10.58
N ASP A 26 13.52 -4.20 -9.58
CA ASP A 26 12.22 -4.83 -9.81
C ASP A 26 11.18 -3.77 -10.11
N THR A 27 10.36 -4.02 -11.13
CA THR A 27 9.26 -3.12 -11.42
C THR A 27 8.11 -3.33 -10.45
N ILE A 28 7.29 -2.31 -10.30
CA ILE A 28 6.13 -2.43 -9.41
C ILE A 28 5.23 -3.55 -9.88
N GLU A 29 5.09 -3.68 -11.21
CA GLU A 29 4.35 -4.81 -11.78
C GLU A 29 4.88 -6.14 -11.28
N ASN A 30 6.20 -6.26 -11.20
CA ASN A 30 6.83 -7.49 -10.71
C ASN A 30 6.60 -7.67 -9.22
N VAL A 31 6.69 -6.59 -8.44
CA VAL A 31 6.38 -6.66 -7.02
C VAL A 31 4.96 -7.16 -6.81
N LYS A 32 4.02 -6.71 -7.66
CA LYS A 32 2.64 -7.18 -7.56
C LYS A 32 2.54 -8.66 -7.90
N ALA A 33 3.30 -9.12 -8.90
CA ALA A 33 3.32 -10.55 -9.19
C ALA A 33 3.84 -11.35 -8.02
N LYS A 34 4.85 -10.82 -7.32
CA LYS A 34 5.39 -11.50 -6.14
C LYS A 34 4.38 -11.54 -5.01
N ILE A 35 3.57 -10.48 -4.88
CA ILE A 35 2.49 -10.48 -3.90
C ILE A 35 1.44 -11.52 -4.27
N GLN A 36 1.13 -11.65 -5.57
CA GLN A 36 0.25 -12.72 -6.02
C GLN A 36 0.79 -14.09 -5.64
N ASP A 37 2.08 -14.32 -5.85
CA ASP A 37 2.65 -15.62 -5.51
C ASP A 37 2.46 -15.95 -4.04
N LYS A 38 2.54 -14.95 -3.17
CA LYS A 38 2.48 -15.23 -1.74
C LYS A 38 1.07 -15.19 -1.18
N GLU A 39 0.16 -14.47 -1.84
CA GLU A 39 -1.15 -14.20 -1.27
C GLU A 39 -2.30 -14.54 -2.20
N GLY A 40 -2.05 -14.84 -3.46
CA GLY A 40 -3.12 -15.13 -4.38
C GLY A 40 -3.90 -13.94 -4.86
N ILE A 41 -3.46 -12.72 -4.57
CA ILE A 41 -4.18 -11.51 -4.93
C ILE A 41 -3.81 -11.14 -6.35
N PRO A 42 -4.75 -11.12 -7.29
CA PRO A 42 -4.41 -10.74 -8.67
C PRO A 42 -3.82 -9.33 -8.70
N PRO A 43 -2.79 -9.11 -9.51
CA PRO A 43 -2.19 -7.77 -9.56
C PRO A 43 -3.17 -6.65 -9.88
N ASP A 44 -4.21 -6.91 -10.68
CA ASP A 44 -5.19 -5.87 -10.99
C ASP A 44 -5.86 -5.32 -9.74
N GLN A 45 -5.92 -6.11 -8.69
CA GLN A 45 -6.65 -5.69 -7.51
C GLN A 45 -5.76 -5.00 -6.49
N GLN A 46 -4.47 -4.89 -6.76
CA GLN A 46 -3.51 -4.34 -5.81
C GLN A 46 -3.25 -2.88 -6.11
N ARG A 47 -3.32 -2.05 -5.07
CA ARG A 47 -2.76 -0.70 -5.09
C ARG A 47 -1.65 -0.63 -4.06
N LEU A 48 -0.45 -0.30 -4.50
CA LEU A 48 0.70 -0.18 -3.61
C LEU A 48 1.03 1.29 -3.38
N ILE A 49 1.38 1.59 -2.15
CA ILE A 49 1.54 2.98 -1.69
C ILE A 49 2.82 3.07 -0.88
N PHE A 50 3.61 4.10 -1.13
CA PHE A 50 4.86 4.28 -0.42
C PHE A 50 5.16 5.75 -0.30
N ALA A 51 5.55 6.18 0.90
CA ALA A 51 5.98 7.55 1.15
C ALA A 51 4.98 8.57 0.60
N GLY A 52 3.69 8.26 0.73
CA GLY A 52 2.67 9.23 0.39
C GLY A 52 2.13 9.16 -1.02
N LYS A 53 2.62 8.25 -1.86
CA LYS A 53 2.19 8.18 -3.25
C LYS A 53 1.80 6.76 -3.63
N GLN A 54 0.86 6.67 -4.56
CA GLN A 54 0.53 5.41 -5.21
C GLN A 54 1.59 5.10 -6.26
N LEU A 55 1.87 3.82 -6.43
CA LEU A 55 2.99 3.39 -7.28
C LEU A 55 2.49 2.90 -8.63
N GLU A 56 3.12 3.38 -9.71
CA GLU A 56 2.76 3.03 -11.08
C GLU A 56 3.56 1.81 -11.53
N ASP A 57 2.92 0.96 -12.34
CA ASP A 57 3.41 -0.40 -12.56
C ASP A 57 4.77 -0.43 -13.22
N GLY A 58 5.03 0.49 -14.15
CA GLY A 58 6.21 0.44 -15.00
C GLY A 58 7.49 0.93 -14.37
N ARG A 59 7.43 1.62 -13.23
CA ARG A 59 8.63 2.10 -12.57
C ARG A 59 9.23 1.00 -11.69
N THR A 60 10.48 1.19 -11.29
CA THR A 60 11.17 0.25 -10.43
C THR A 60 11.12 0.71 -8.98
N LEU A 61 11.45 -0.23 -8.08
CA LEU A 61 11.58 0.12 -6.67
C LEU A 61 12.61 1.23 -6.49
N SER A 62 13.73 1.13 -7.21
CA SER A 62 14.76 2.14 -7.10
C SER A 62 14.23 3.52 -7.52
N ASP A 63 13.45 3.57 -8.60
CA ASP A 63 12.87 4.84 -9.06
C ASP A 63 12.11 5.53 -7.94
N TYR A 64 11.32 4.77 -7.18
CA TYR A 64 10.56 5.33 -6.08
C TYR A 64 11.39 5.46 -4.80
N ASN A 65 12.70 5.25 -4.87
CA ASN A 65 13.57 5.35 -3.69
C ASN A 65 13.14 4.40 -2.58
N ILE A 66 12.82 3.17 -2.94
CA ILE A 66 12.48 2.13 -1.97
C ILE A 66 13.74 1.30 -1.73
N GLN A 67 14.22 1.29 -0.48
CA GLN A 67 15.45 0.61 -0.09
C GLN A 67 15.13 -0.70 0.63
N LYS A 68 16.19 -1.43 0.97
CA LYS A 68 16.04 -2.64 1.76
C LYS A 68 15.33 -2.34 3.07
N GLU A 69 14.44 -3.24 3.48
CA GLU A 69 13.66 -3.18 4.70
C GLU A 69 12.62 -2.07 4.71
N SER A 70 12.35 -1.43 3.58
CA SER A 70 11.26 -0.47 3.50
C SER A 70 9.92 -1.18 3.68
N THR A 71 8.90 -0.41 4.05
CA THR A 71 7.54 -0.90 4.18
C THR A 71 6.65 -0.22 3.16
N LEU A 72 5.97 -1.02 2.34
CA LEU A 72 4.94 -0.55 1.44
C LEU A 72 3.59 -0.84 2.07
N HIS A 73 2.57 -0.16 1.57
CA HIS A 73 1.20 -0.38 2.02
C HIS A 73 0.34 -0.83 0.86
N LEU A 74 -0.51 -1.83 1.12
CA LEU A 74 -1.31 -2.49 0.11
C LEU A 74 -2.79 -2.24 0.41
N VAL A 75 -3.51 -1.71 -0.57
CA VAL A 75 -4.96 -1.56 -0.52
C VAL A 75 -5.54 -2.34 -1.69
N LEU A 76 -6.62 -3.06 -1.46
CA LEU A 76 -7.28 -3.85 -2.50
C LEU A 76 -8.42 -3.05 -3.11
N ARG A 77 -8.47 -3.03 -4.44
CA ARG A 77 -9.54 -2.37 -5.18
C ARG A 77 -10.15 -3.33 -6.18
N LEU A 78 -11.48 -3.42 -6.19
CA LEU A 78 -12.15 -4.35 -7.09
C LEU A 78 -11.87 -4.02 -8.55
N ARG A 79 -12.05 -2.76 -8.94
CA ARG A 79 -11.76 -2.35 -10.31
C ARG A 79 -10.28 -2.03 -10.46
N GLU B 1 -19.13 0.55 -1.77
CA GLU B 1 -17.84 -0.12 -1.77
C GLU B 1 -16.80 0.79 -2.39
N GLN B 2 -17.21 1.48 -3.47
CA GLN B 2 -16.33 2.44 -4.14
C GLN B 2 -15.83 3.51 -3.17
N GLU B 3 -16.74 4.09 -2.38
N GLU B 3 -16.75 4.12 -2.40
CA GLU B 3 -16.31 5.15 -1.47
CA GLU B 3 -16.36 5.15 -1.45
C GLU B 3 -15.48 4.61 -0.31
C GLU B 3 -15.45 4.58 -0.36
N ILE B 4 -15.77 3.38 0.12
CA ILE B 4 -14.90 2.74 1.11
C ILE B 4 -13.47 2.63 0.59
N GLU B 5 -13.31 2.24 -0.68
CA GLU B 5 -11.98 2.09 -1.26
C GLU B 5 -11.24 3.41 -1.30
N GLU B 6 -11.91 4.49 -1.71
CA GLU B 6 -11.25 5.79 -1.75
C GLU B 6 -10.74 6.19 -0.37
N LEU B 7 -11.54 5.93 0.68
CA LEU B 7 -11.11 6.27 2.03
C LEU B 7 -9.95 5.40 2.49
N GLU B 8 -9.94 4.14 2.07
CA GLU B 8 -8.81 3.26 2.40
C GLU B 8 -7.51 3.73 1.76
N ILE B 9 -7.56 4.17 0.51
CA ILE B 9 -6.37 4.71 -0.14
C ILE B 9 -5.85 5.89 0.66
N GLU B 10 -6.75 6.78 1.12
CA GLU B 10 -6.33 7.94 1.88
C GLU B 10 -5.66 7.52 3.19
N ILE B 11 -6.23 6.52 3.88
CA ILE B 11 -5.60 6.01 5.10
C ILE B 11 -4.22 5.45 4.79
N ALA B 12 -4.08 4.67 3.73
CA ALA B 12 -2.79 4.12 3.36
C ALA B 12 -1.79 5.23 3.02
N ILE B 13 -2.23 6.22 2.24
CA ILE B 13 -1.37 7.37 1.91
C ILE B 13 -0.87 8.02 3.19
N LEU B 14 -1.78 8.28 4.14
CA LEU B 14 -1.39 8.95 5.38
C LEU B 14 -0.49 8.05 6.22
N LEU B 15 -0.86 6.78 6.36
CA LEU B 15 -0.05 5.85 7.14
C LEU B 15 1.35 5.74 6.55
N SER B 16 1.47 5.78 5.22
CA SER B 16 2.77 5.62 4.57
C SER B 16 3.66 6.84 4.77
N GLU B 17 3.08 7.96 5.22
CA GLU B 17 3.86 9.11 5.64
C GLU B 17 4.42 8.95 7.05
N ILE B 18 4.10 7.82 7.70
CA ILE B 18 4.72 7.43 8.95
C ILE B 18 5.45 6.10 8.84
N GLU B 19 4.80 5.09 8.23
CA GLU B 19 5.36 3.75 8.07
C GLU B 19 5.95 3.61 6.67
N GLY B 20 7.26 3.81 6.57
CA GLY B 20 7.96 3.74 5.30
C GLY B 20 9.35 3.18 5.43
N LYS C 1 -22.47 2.53 6.06
CA LYS C 1 -22.32 3.87 6.62
C LYS C 1 -21.54 3.88 7.94
N GLN C 2 -21.63 2.80 8.73
CA GLN C 2 -20.72 2.66 9.87
C GLN C 2 -19.27 2.55 9.41
N LYS C 3 -19.00 1.74 8.38
CA LYS C 3 -17.64 1.62 7.88
C LYS C 3 -17.11 2.98 7.40
N ILE C 4 -17.92 3.71 6.65
CA ILE C 4 -17.50 5.03 6.17
C ILE C 4 -17.17 5.95 7.36
N ALA C 5 -18.00 5.95 8.40
CA ALA C 5 -17.74 6.84 9.52
C ALA C 5 -16.47 6.43 10.29
N ALA C 6 -16.22 5.13 10.41
CA ALA C 6 -15.01 4.68 11.09
C ALA C 6 -13.76 5.05 10.28
N LEU C 7 -13.84 4.92 8.96
CA LEU C 7 -12.70 5.27 8.11
C LEU C 7 -12.42 6.77 8.16
N LYS C 8 -13.46 7.60 8.12
CA LYS C 8 -13.25 9.04 8.21
C LYS C 8 -12.64 9.41 9.55
N TYR C 9 -13.07 8.73 10.61
CA TYR C 9 -12.49 8.97 11.93
C TYR C 9 -11.00 8.61 11.96
N LYS C 10 -10.63 7.50 11.31
CA LYS C 10 -9.22 7.14 11.19
C LYS C 10 -8.44 8.20 10.43
N ILE C 11 -9.01 8.69 9.32
CA ILE C 11 -8.34 9.70 8.52
C ILE C 11 -8.07 10.95 9.34
N ALA C 12 -9.07 11.43 10.06
CA ALA C 12 -8.89 12.63 10.88
C ALA C 12 -7.82 12.40 11.94
N ALA C 13 -7.85 11.23 12.59
CA ALA C 13 -6.86 10.92 13.60
C ALA C 13 -5.46 10.86 13.02
N LEU C 14 -5.31 10.27 11.84
CA LEU C 14 -4.01 10.21 11.18
C LEU C 14 -3.51 11.59 10.80
N LYS C 15 -4.40 12.46 10.31
CA LYS C 15 -3.95 13.81 9.97
C LYS C 15 -3.48 14.57 11.20
N GLN C 16 -4.19 14.43 12.33
CA GLN C 16 -3.72 15.03 13.57
C GLN C 16 -2.38 14.46 13.97
N LYS C 17 -2.22 13.14 13.83
CA LYS C 17 -0.96 12.50 14.18
C LYS C 17 0.19 13.06 13.33
N ILE C 18 -0.04 13.22 12.04
CA ILE C 18 1.02 13.70 11.15
C ILE C 18 1.38 15.14 11.46
N GLN C 19 0.40 15.95 11.87
CA GLN C 19 0.65 17.32 12.30
C GLN C 19 1.53 17.36 13.55
#